data_9EB2
#
_entry.id   9EB2
#
_cell.length_a   53.840
_cell.length_b   61.340
_cell.length_c   134.620
_cell.angle_alpha   90.000
_cell.angle_beta   90.000
_cell.angle_gamma   90.000
#
_symmetry.space_group_name_H-M   'P 21 21 21'
#
loop_
_entity.id
_entity.type
_entity.pdbx_description
1 polymer 'MHC Rfp-Y class I alpha chain'
2 polymer Beta-2-microglobulin
3 non-polymer N-tetradecanoylglycine
4 non-polymer GLYCEROL
5 non-polymer 'CHLORIDE ION'
6 water water
#
loop_
_entity_poly.entity_id
_entity_poly.type
_entity_poly.pdbx_seq_one_letter_code
_entity_poly.pdbx_strand_id
1 'polypeptide(L)'
;GSHSLRYFLTGMTDPGPGMPRFVIVGYVDDKIFGTYNSKSRTAQPIVEMLPQEDQEHWDTQTQKAQGGERDFDWNLNRLP
ERYNKSKGSHTMQMMFGCDILEDGSIRGYDQYAFDGRDFLAFDMDTMTFTAADPVAEITKRRWETEGTYAERWKHELGTV
CVQNLRRYLEHGKAALKRRVQPEVRVWGKEADGILTLSCHAHGFYPRPITISWMKDGMVRDQETRWGGIVPNSDGTYHAS
AAIDVLPEDGDKYWCRVEHASLPQPGLFSWGSLVP
;
A
2 'polypeptide(L)'
;ADLTPKVQVYSRFPASAGTKNVLNCFAAGFHPPKISITLMKDGVPMEGAQYSDMSFNDDWTFQRLVHADFTPSSGSTYAC
KVEHETLKEPQVYKWDPEF
;
B
#
loop_
_chem_comp.id
_chem_comp.type
_chem_comp.name
_chem_comp.formula
BJU non-polymer N-tetradecanoylglycine 'C16 H31 N O3'
CL non-polymer 'CHLORIDE ION' 'Cl -1'
GOL non-polymer GLYCEROL 'C3 H8 O3'
#
# COMPACT_ATOMS: atom_id res chain seq x y z
N GLY A 1 -18.86 -11.25 -9.35
CA GLY A 1 -18.57 -10.13 -8.49
C GLY A 1 -17.73 -9.05 -9.16
N SER A 2 -17.25 -8.09 -8.36
CA SER A 2 -16.46 -6.96 -8.85
C SER A 2 -14.99 -7.16 -8.51
N HIS A 3 -14.09 -6.92 -9.47
CA HIS A 3 -12.66 -7.20 -9.31
C HIS A 3 -11.82 -6.17 -10.04
N SER A 4 -10.58 -6.01 -9.57
CA SER A 4 -9.69 -4.97 -10.08
CA SER A 4 -9.70 -4.97 -10.09
C SER A 4 -8.31 -5.53 -10.32
N LEU A 5 -7.67 -5.04 -11.37
CA LEU A 5 -6.26 -5.32 -11.66
C LEU A 5 -5.57 -3.97 -11.79
N ARG A 6 -4.47 -3.79 -11.06
CA ARG A 6 -3.79 -2.50 -11.05
C ARG A 6 -2.30 -2.70 -11.06
N TYR A 7 -1.61 -1.84 -11.81
CA TYR A 7 -0.15 -1.85 -11.88
C TYR A 7 0.37 -0.50 -11.44
N PHE A 8 1.41 -0.52 -10.60
CA PHE A 8 2.01 0.69 -10.04
C PHE A 8 3.47 0.73 -10.48
N LEU A 9 3.83 1.66 -11.36
CA LEU A 9 5.17 1.73 -11.94
C LEU A 9 5.87 2.97 -11.41
N THR A 10 7.11 2.83 -10.99
CA THR A 10 7.90 3.95 -10.47
C THR A 10 9.30 3.95 -11.05
N GLY A 11 9.76 5.10 -11.52
CA GLY A 11 11.15 5.28 -11.91
C GLY A 11 11.75 6.45 -11.14
N MET A 12 13.01 6.29 -10.73
CA MET A 12 13.66 7.21 -9.80
C MET A 12 15.08 7.48 -10.25
N THR A 13 15.49 8.75 -10.29
CA THR A 13 16.91 9.03 -10.45
C THR A 13 17.70 8.78 -9.17
N ASP A 14 17.05 8.73 -8.01
CA ASP A 14 17.75 8.65 -6.71
C ASP A 14 17.00 7.68 -5.81
N PRO A 15 17.05 6.38 -6.13
CA PRO A 15 16.26 5.41 -5.35
C PRO A 15 16.84 5.13 -3.96
N GLY A 16 18.11 5.42 -3.73
CA GLY A 16 18.78 5.06 -2.50
C GLY A 16 19.80 3.96 -2.72
N PRO A 17 20.81 3.90 -1.86
CA PRO A 17 21.92 2.95 -2.08
C PRO A 17 21.43 1.51 -2.17
N GLY A 18 21.84 0.83 -3.23
CA GLY A 18 21.46 -0.55 -3.49
C GLY A 18 20.04 -0.76 -3.96
N MET A 19 19.25 0.33 -4.11
CA MET A 19 17.85 0.11 -4.48
C MET A 19 17.67 0.19 -5.99
N PRO A 20 16.70 -0.53 -6.54
CA PRO A 20 16.45 -0.47 -7.98
C PRO A 20 15.87 0.88 -8.38
N ARG A 21 16.30 1.38 -9.53
CA ARG A 21 15.80 2.66 -10.03
C ARG A 21 14.41 2.54 -10.65
N PHE A 22 13.93 1.34 -10.96
CA PHE A 22 12.63 1.15 -11.60
C PHE A 22 11.96 -0.09 -11.01
N VAL A 23 10.68 0.06 -10.65
CA VAL A 23 9.92 -0.97 -9.94
C VAL A 23 8.49 -1.00 -10.48
N ILE A 24 7.94 -2.21 -10.59
CA ILE A 24 6.51 -2.40 -10.87
C ILE A 24 5.93 -3.35 -9.83
N VAL A 25 4.79 -2.97 -9.27
CA VAL A 25 4.03 -3.83 -8.35
C VAL A 25 2.64 -4.01 -8.94
N GLY A 26 2.19 -5.25 -9.06
CA GLY A 26 0.87 -5.56 -9.59
C GLY A 26 -0.05 -6.07 -8.50
N TYR A 27 -1.31 -5.63 -8.56
CA TYR A 27 -2.33 -5.98 -7.56
C TYR A 27 -3.57 -6.55 -8.23
N VAL A 28 -4.08 -7.65 -7.68
CA VAL A 28 -5.42 -8.15 -7.97
C VAL A 28 -6.22 -8.02 -6.68
N ASP A 29 -7.25 -7.18 -6.67
CA ASP A 29 -8.15 -7.10 -5.51
C ASP A 29 -7.40 -6.92 -4.18
N ASP A 30 -6.52 -5.93 -4.10
CA ASP A 30 -5.80 -5.65 -2.85
C ASP A 30 -4.80 -6.75 -2.47
N LYS A 31 -4.41 -7.60 -3.41
CA LYS A 31 -3.39 -8.60 -3.16
C LYS A 31 -2.31 -8.47 -4.22
N ILE A 32 -1.05 -8.34 -3.78
CA ILE A 32 0.05 -8.28 -4.74
C ILE A 32 0.19 -9.65 -5.40
N PHE A 33 0.13 -9.68 -6.74
CA PHE A 33 0.26 -10.94 -7.48
C PHE A 33 1.60 -11.08 -8.19
N GLY A 34 2.33 -9.99 -8.41
CA GLY A 34 3.62 -10.10 -9.06
C GLY A 34 4.36 -8.78 -8.99
N THR A 35 5.65 -8.85 -9.27
CA THR A 35 6.51 -7.67 -9.21
C THR A 35 7.54 -7.73 -10.33
N TYR A 36 8.13 -6.57 -10.61
CA TYR A 36 9.30 -6.43 -11.48
C TYR A 36 10.21 -5.36 -10.88
N ASN A 37 11.52 -5.52 -11.06
CA ASN A 37 12.42 -4.43 -10.69
C ASN A 37 13.65 -4.46 -11.60
N SER A 38 14.30 -3.30 -11.71
CA SER A 38 15.41 -3.14 -12.65
C SER A 38 16.69 -3.82 -12.19
N LYS A 39 16.74 -4.34 -10.95
CA LYS A 39 17.90 -5.11 -10.53
C LYS A 39 17.83 -6.54 -11.04
N SER A 40 16.71 -7.22 -10.76
CA SER A 40 16.48 -8.57 -11.26
C SER A 40 16.17 -8.56 -12.76
N ARG A 41 15.47 -7.54 -13.24
CA ARG A 41 15.02 -7.44 -14.64
C ARG A 41 14.07 -8.58 -15.01
N THR A 42 13.38 -9.14 -14.02
CA THR A 42 12.45 -10.24 -14.28
C THR A 42 11.10 -9.91 -13.64
N ALA A 43 10.02 -10.13 -14.41
CA ALA A 43 8.68 -10.14 -13.81
C ALA A 43 8.43 -11.51 -13.20
N GLN A 44 7.99 -11.53 -11.95
CA GLN A 44 7.83 -12.81 -11.25
C GLN A 44 6.49 -12.83 -10.53
N PRO A 45 5.78 -13.94 -10.53
CA PRO A 45 4.57 -14.04 -9.71
C PRO A 45 4.92 -14.16 -8.24
N ILE A 46 3.99 -13.72 -7.39
CA ILE A 46 4.03 -14.08 -5.97
C ILE A 46 3.50 -15.51 -5.86
N VAL A 47 4.40 -16.46 -5.55
CA VAL A 47 4.01 -17.84 -5.73
C VAL A 47 3.07 -18.31 -4.65
N GLU A 48 3.02 -17.62 -3.50
CA GLU A 48 2.01 -17.97 -2.51
C GLU A 48 0.59 -17.70 -3.02
N MET A 49 0.42 -16.80 -3.98
CA MET A 49 -0.91 -16.61 -4.56
C MET A 49 -1.07 -17.35 -5.89
N LEU A 50 -0.03 -17.36 -6.74
CA LEU A 50 -0.06 -18.02 -8.04
C LEU A 50 0.99 -19.13 -8.06
N PRO A 51 0.65 -20.34 -7.60
CA PRO A 51 1.68 -21.37 -7.41
C PRO A 51 1.99 -22.23 -8.62
N GLN A 52 1.28 -22.09 -9.74
CA GLN A 52 1.48 -23.00 -10.87
C GLN A 52 1.49 -22.23 -12.18
N GLU A 53 2.30 -21.17 -12.25
CA GLU A 53 2.30 -20.28 -13.41
C GLU A 53 3.20 -20.83 -14.51
N ASP A 54 2.73 -20.76 -15.76
CA ASP A 54 3.56 -21.15 -16.90
C ASP A 54 4.58 -20.07 -17.21
N GLN A 55 5.72 -20.50 -17.75
CA GLN A 55 6.85 -19.61 -18.02
C GLN A 55 6.51 -18.59 -19.10
N GLU A 56 5.83 -19.02 -20.17
N GLU A 56 5.80 -19.00 -20.15
CA GLU A 56 5.52 -18.15 -21.29
CA GLU A 56 5.59 -18.10 -21.29
C GLU A 56 4.87 -16.86 -20.82
C GLU A 56 4.82 -16.85 -20.88
N HIS A 57 3.82 -16.99 -20.00
CA HIS A 57 3.08 -15.80 -19.57
C HIS A 57 4.00 -14.79 -18.91
N TRP A 58 4.86 -15.25 -18.01
CA TRP A 58 5.75 -14.34 -17.28
C TRP A 58 6.95 -13.86 -18.11
N ASP A 59 7.40 -14.61 -19.11
CA ASP A 59 8.33 -14.00 -20.07
C ASP A 59 7.71 -12.83 -20.79
N THR A 60 6.43 -12.96 -21.18
CA THR A 60 5.73 -11.85 -21.81
C THR A 60 5.61 -10.65 -20.88
N GLN A 61 5.25 -10.88 -19.60
CA GLN A 61 5.22 -9.78 -18.65
C GLN A 61 6.60 -9.13 -18.54
N THR A 62 7.66 -9.94 -18.48
CA THR A 62 9.02 -9.42 -18.39
C THR A 62 9.37 -8.55 -19.60
N GLN A 63 9.05 -9.02 -20.81
CA GLN A 63 9.31 -8.25 -22.01
C GLN A 63 8.61 -6.88 -21.94
N LYS A 64 7.35 -6.85 -21.50
CA LYS A 64 6.64 -5.56 -21.38
C LYS A 64 7.25 -4.67 -20.31
N ALA A 65 7.65 -5.26 -19.18
CA ALA A 65 8.19 -4.43 -18.10
C ALA A 65 9.54 -3.83 -18.50
N GLN A 66 10.36 -4.60 -19.21
CA GLN A 66 11.65 -4.10 -19.70
C GLN A 66 11.46 -2.92 -20.64
N GLY A 67 10.42 -2.96 -21.48
CA GLY A 67 10.11 -1.81 -22.33
C GLY A 67 9.69 -0.61 -21.49
N GLY A 68 8.83 -0.82 -20.51
CA GLY A 68 8.49 0.24 -19.58
C GLY A 68 9.70 0.84 -18.90
N GLU A 69 10.63 0.00 -18.45
CA GLU A 69 11.83 0.52 -17.79
C GLU A 69 12.60 1.44 -18.71
N ARG A 70 12.76 1.06 -19.98
CA ARG A 70 13.52 1.89 -20.91
C ARG A 70 12.82 3.23 -21.12
N ASP A 71 11.49 3.21 -21.27
CA ASP A 71 10.73 4.44 -21.46
C ASP A 71 10.85 5.37 -20.26
N PHE A 72 10.73 4.81 -19.05
CA PHE A 72 10.90 5.63 -17.85
C PHE A 72 12.31 6.22 -17.79
N ASP A 73 13.32 5.42 -18.14
N ASP A 73 13.33 5.45 -18.17
CA ASP A 73 14.70 5.92 -18.22
CA ASP A 73 14.69 5.96 -18.17
C ASP A 73 14.79 7.15 -19.11
C ASP A 73 14.84 7.15 -19.13
N TRP A 74 14.24 7.05 -20.33
CA TRP A 74 14.29 8.17 -21.25
C TRP A 74 13.61 9.40 -20.66
N ASN A 75 12.42 9.21 -20.08
CA ASN A 75 11.67 10.34 -19.57
C ASN A 75 12.40 11.05 -18.44
N LEU A 76 13.01 10.27 -17.53
CA LEU A 76 13.71 10.87 -16.41
C LEU A 76 14.91 11.68 -16.86
N ASN A 77 15.54 11.30 -17.99
CA ASN A 77 16.63 12.08 -18.53
C ASN A 77 16.15 13.31 -19.28
N ARG A 78 14.97 13.25 -19.91
CA ARG A 78 14.54 14.29 -20.84
C ARG A 78 13.54 15.28 -20.25
N LEU A 79 12.60 14.81 -19.43
CA LEU A 79 11.58 15.72 -18.91
C LEU A 79 12.18 16.84 -18.09
N PRO A 80 13.17 16.60 -17.21
CA PRO A 80 13.78 17.70 -16.45
C PRO A 80 14.28 18.85 -17.32
N GLU A 81 14.83 18.57 -18.51
CA GLU A 81 15.25 19.68 -19.36
C GLU A 81 14.04 20.46 -19.88
N ARG A 82 12.94 19.78 -20.16
CA ARG A 82 11.77 20.46 -20.71
C ARG A 82 11.10 21.34 -19.67
N TYR A 83 11.18 20.98 -18.39
CA TYR A 83 10.65 21.83 -17.33
C TYR A 83 11.61 22.91 -16.88
N ASN A 84 12.85 22.93 -17.38
CA ASN A 84 13.84 23.90 -16.95
C ASN A 84 14.19 23.77 -15.48
N LYS A 85 13.88 22.62 -14.88
CA LYS A 85 14.24 22.29 -13.50
C LYS A 85 15.12 21.05 -13.55
N SER A 86 16.38 21.24 -13.96
CA SER A 86 17.27 20.11 -14.17
C SER A 86 17.78 19.51 -12.86
N LYS A 87 18.11 20.37 -11.88
CA LYS A 87 18.78 19.92 -10.67
C LYS A 87 17.84 19.13 -9.76
N GLY A 88 18.43 18.42 -8.80
CA GLY A 88 17.68 17.60 -7.88
C GLY A 88 17.37 16.22 -8.43
N SER A 89 16.83 15.36 -7.57
CA SER A 89 16.34 14.06 -8.00
C SER A 89 14.97 14.21 -8.64
N HIS A 90 14.55 13.18 -9.37
CA HIS A 90 13.29 13.21 -10.10
C HIS A 90 12.66 11.83 -10.07
N THR A 91 11.36 11.79 -10.33
CA THR A 91 10.59 10.55 -10.33
CA THR A 91 10.61 10.55 -10.33
C THR A 91 9.61 10.57 -11.49
N MET A 92 9.28 9.40 -11.97
CA MET A 92 8.21 9.18 -12.92
CA MET A 92 8.21 9.19 -12.92
C MET A 92 7.33 8.05 -12.43
N GLN A 93 6.02 8.22 -12.55
CA GLN A 93 5.09 7.19 -12.07
C GLN A 93 3.98 6.98 -13.07
N MET A 94 3.42 5.77 -13.07
CA MET A 94 2.25 5.45 -13.86
C MET A 94 1.40 4.44 -13.11
N MET A 95 0.10 4.61 -13.16
CA MET A 95 -0.83 3.62 -12.63
C MET A 95 -1.79 3.27 -13.76
N PHE A 96 -1.94 1.98 -14.04
CA PHE A 96 -2.95 1.58 -15.03
C PHE A 96 -3.55 0.25 -14.64
N GLY A 97 -4.68 -0.07 -15.27
CA GLY A 97 -5.32 -1.35 -15.03
C GLY A 97 -6.77 -1.32 -15.46
N CYS A 98 -7.54 -2.27 -14.93
N CYS A 98 -7.55 -2.26 -14.91
CA CYS A 98 -8.94 -2.41 -15.30
CA CYS A 98 -8.92 -2.44 -15.32
C CYS A 98 -9.76 -2.91 -14.13
C CYS A 98 -9.75 -2.96 -14.15
N ASP A 99 -11.06 -2.68 -14.21
CA ASP A 99 -12.06 -3.26 -13.32
C ASP A 99 -13.01 -4.10 -14.16
N ILE A 100 -13.44 -5.23 -13.62
CA ILE A 100 -14.60 -5.95 -14.10
C ILE A 100 -15.69 -5.74 -13.06
N LEU A 101 -16.75 -5.02 -13.43
CA LEU A 101 -17.76 -4.66 -12.45
C LEU A 101 -18.74 -5.81 -12.22
N GLU A 102 -19.57 -5.65 -11.17
CA GLU A 102 -20.50 -6.71 -10.80
C GLU A 102 -21.41 -7.09 -11.96
N ASP A 103 -21.76 -6.14 -12.81
CA ASP A 103 -22.60 -6.43 -13.97
C ASP A 103 -21.80 -6.90 -15.19
N GLY A 104 -20.50 -7.11 -15.05
CA GLY A 104 -19.67 -7.60 -16.13
C GLY A 104 -19.01 -6.53 -16.98
N SER A 105 -19.47 -5.29 -16.89
CA SER A 105 -18.86 -4.22 -17.68
C SER A 105 -17.44 -3.95 -17.22
N ILE A 106 -16.67 -3.27 -18.07
CA ILE A 106 -15.24 -3.06 -17.88
C ILE A 106 -14.96 -1.57 -17.71
N ARG A 107 -13.96 -1.26 -16.88
CA ARG A 107 -13.46 0.10 -16.70
CA ARG A 107 -13.46 0.10 -16.70
C ARG A 107 -11.95 0.07 -16.80
N GLY A 108 -11.37 1.06 -17.50
CA GLY A 108 -9.93 1.15 -17.67
C GLY A 108 -9.34 2.35 -16.96
N TYR A 109 -8.07 2.24 -16.55
CA TYR A 109 -7.34 3.32 -15.89
C TYR A 109 -5.96 3.46 -16.52
N ASP A 110 -5.49 4.70 -16.64
CA ASP A 110 -4.19 4.97 -17.25
C ASP A 110 -3.79 6.41 -16.93
N GLN A 111 -2.88 6.61 -15.97
CA GLN A 111 -2.47 7.95 -15.53
C GLN A 111 -0.98 7.99 -15.27
N TYR A 112 -0.38 9.15 -15.50
CA TYR A 112 1.05 9.37 -15.30
C TYR A 112 1.29 10.54 -14.37
N ALA A 113 2.40 10.49 -13.63
CA ALA A 113 2.83 11.63 -12.84
C ALA A 113 4.34 11.81 -12.97
N PHE A 114 4.78 13.06 -12.90
CA PHE A 114 6.18 13.43 -12.91
C PHE A 114 6.49 14.22 -11.65
N ASP A 115 7.57 13.86 -10.98
CA ASP A 115 7.93 14.44 -9.68
C ASP A 115 6.72 14.52 -8.75
N GLY A 116 5.92 13.45 -8.77
CA GLY A 116 4.81 13.32 -7.83
C GLY A 116 3.59 14.15 -8.17
N ARG A 117 3.53 14.78 -9.34
CA ARG A 117 2.42 15.62 -9.76
C ARG A 117 1.80 15.09 -11.04
N ASP A 118 0.47 15.24 -11.14
CA ASP A 118 -0.26 14.78 -12.32
C ASP A 118 0.43 15.27 -13.58
N PHE A 119 0.51 14.37 -14.57
CA PHE A 119 1.15 14.65 -15.85
C PHE A 119 0.14 14.51 -16.98
N LEU A 120 -0.27 13.29 -17.31
CA LEU A 120 -1.38 13.11 -18.24
C LEU A 120 -2.11 11.83 -17.91
N ALA A 121 -3.31 11.71 -18.46
CA ALA A 121 -4.17 10.54 -18.29
C ALA A 121 -4.88 10.23 -19.61
N PHE A 122 -5.32 8.97 -19.74
CA PHE A 122 -5.97 8.46 -20.95
C PHE A 122 -7.30 7.82 -20.59
N ASP A 123 -8.35 8.16 -21.32
CA ASP A 123 -9.68 7.61 -21.07
C ASP A 123 -10.00 6.53 -22.11
N MET A 124 -9.96 5.27 -21.69
CA MET A 124 -10.12 4.15 -22.61
C MET A 124 -11.58 3.95 -23.03
N ASP A 125 -12.53 4.55 -22.31
CA ASP A 125 -13.92 4.49 -22.77
C ASP A 125 -14.12 5.32 -24.03
N THR A 126 -13.52 6.52 -24.07
CA THR A 126 -13.71 7.47 -25.16
C THR A 126 -12.45 7.66 -26.00
N MET A 127 -11.33 7.04 -25.61
CA MET A 127 -10.06 7.11 -26.34
C MET A 127 -9.54 8.54 -26.44
N THR A 128 -9.70 9.30 -25.36
CA THR A 128 -9.24 10.68 -25.27
C THR A 128 -8.23 10.82 -24.12
N PHE A 129 -7.51 11.94 -24.12
CA PHE A 129 -6.45 12.25 -23.17
C PHE A 129 -6.73 13.55 -22.44
N THR A 130 -6.15 13.71 -21.24
CA THR A 130 -6.10 15.01 -20.55
C THR A 130 -4.68 15.23 -20.03
N ALA A 131 -4.26 16.50 -19.96
CA ALA A 131 -2.90 16.85 -19.52
C ALA A 131 -2.92 17.98 -18.50
N ALA A 132 -1.98 17.93 -17.55
CA ALA A 132 -2.00 18.83 -16.40
C ALA A 132 -1.06 20.04 -16.52
N ASP A 133 -0.15 20.07 -17.48
CA ASP A 133 0.71 21.25 -17.63
C ASP A 133 1.20 21.32 -19.07
N PRO A 134 1.86 22.42 -19.44
CA PRO A 134 2.17 22.64 -20.87
C PRO A 134 3.14 21.64 -21.46
N VAL A 135 4.08 21.10 -20.66
CA VAL A 135 4.97 20.07 -21.17
C VAL A 135 4.18 18.82 -21.52
N ALA A 136 3.32 18.37 -20.61
CA ALA A 136 2.49 17.21 -20.86
C ALA A 136 1.51 17.45 -22.00
N GLU A 137 1.02 18.69 -22.15
CA GLU A 137 0.11 19.03 -23.24
C GLU A 137 0.75 18.77 -24.60
N ILE A 138 2.02 19.11 -24.77
CA ILE A 138 2.67 18.87 -26.05
C ILE A 138 2.71 17.38 -26.34
N THR A 139 3.07 16.57 -25.33
CA THR A 139 3.09 15.13 -25.51
C THR A 139 1.69 14.63 -25.87
N LYS A 140 0.68 15.05 -25.10
CA LYS A 140 -0.69 14.63 -25.34
CA LYS A 140 -0.69 14.62 -25.34
C LYS A 140 -1.13 14.94 -26.76
N ARG A 141 -0.86 16.16 -27.23
CA ARG A 141 -1.33 16.53 -28.55
C ARG A 141 -0.66 15.70 -29.63
N ARG A 142 0.64 15.39 -29.46
CA ARG A 142 1.34 14.54 -30.42
CA ARG A 142 1.32 14.55 -30.43
C ARG A 142 0.75 13.15 -30.43
N TRP A 143 0.53 12.57 -29.25
CA TRP A 143 -0.02 11.21 -29.16
C TRP A 143 -1.40 11.13 -29.80
N GLU A 144 -2.28 12.10 -29.51
CA GLU A 144 -3.64 11.95 -30.03
C GLU A 144 -3.68 12.16 -31.53
N THR A 145 -2.90 13.10 -32.06
CA THR A 145 -2.90 13.33 -33.49
C THR A 145 -2.38 12.13 -34.24
N GLU A 146 -1.38 11.45 -33.68
CA GLU A 146 -0.82 10.29 -34.36
C GLU A 146 -1.79 9.12 -34.32
N GLY A 147 -2.49 8.94 -33.18
CA GLY A 147 -3.55 7.96 -33.04
C GLY A 147 -3.11 6.58 -32.61
N THR A 148 -1.80 6.31 -32.57
CA THR A 148 -1.33 4.97 -32.27
CA THR A 148 -1.33 4.96 -32.27
C THR A 148 -1.47 4.64 -30.79
N TYR A 149 -1.13 5.58 -29.91
CA TYR A 149 -1.19 5.29 -28.48
C TYR A 149 -2.58 4.83 -28.08
N ALA A 150 -3.62 5.54 -28.54
CA ALA A 150 -4.98 5.29 -28.07
C ALA A 150 -5.48 3.91 -28.50
N GLU A 151 -5.18 3.50 -29.74
CA GLU A 151 -5.52 2.16 -30.17
C GLU A 151 -4.80 1.10 -29.35
N ARG A 152 -3.52 1.32 -29.08
CA ARG A 152 -2.75 0.36 -28.33
C ARG A 152 -3.27 0.22 -26.90
N TRP A 153 -3.59 1.34 -26.25
CA TRP A 153 -3.97 1.26 -24.85
C TRP A 153 -5.44 0.90 -24.67
N LYS A 154 -6.30 1.23 -25.63
CA LYS A 154 -7.64 0.65 -25.61
C LYS A 154 -7.58 -0.87 -25.64
N HIS A 155 -6.71 -1.43 -26.48
CA HIS A 155 -6.57 -2.87 -26.51
C HIS A 155 -5.90 -3.39 -25.24
N GLU A 156 -4.86 -2.70 -24.78
CA GLU A 156 -4.16 -3.12 -23.57
C GLU A 156 -5.11 -3.14 -22.37
N LEU A 157 -5.87 -2.06 -22.16
CA LEU A 157 -6.73 -1.96 -20.99
C LEU A 157 -8.01 -2.77 -21.16
N GLY A 158 -8.65 -2.68 -22.34
CA GLY A 158 -9.96 -3.26 -22.52
C GLY A 158 -9.98 -4.73 -22.88
N THR A 159 -8.85 -5.28 -23.34
CA THR A 159 -8.75 -6.67 -23.74
C THR A 159 -7.69 -7.43 -22.94
N VAL A 160 -6.43 -7.02 -23.01
CA VAL A 160 -5.34 -7.77 -22.36
C VAL A 160 -5.49 -7.72 -20.84
N CYS A 161 -5.67 -6.53 -20.28
N CYS A 161 -5.66 -6.52 -20.28
CA CYS A 161 -5.83 -6.40 -18.84
CA CYS A 161 -5.83 -6.39 -18.83
C CYS A 161 -6.99 -7.25 -18.33
C CYS A 161 -6.99 -7.25 -18.33
N VAL A 162 -8.12 -7.20 -19.03
CA VAL A 162 -9.28 -7.98 -18.62
C VAL A 162 -8.96 -9.47 -18.68
N GLN A 163 -8.34 -9.91 -19.77
CA GLN A 163 -8.01 -11.32 -19.88
C GLN A 163 -7.05 -11.74 -18.78
N ASN A 164 -6.06 -10.88 -18.48
CA ASN A 164 -5.13 -11.22 -17.41
C ASN A 164 -5.82 -11.22 -16.05
N LEU A 165 -6.74 -10.28 -15.82
CA LEU A 165 -7.46 -10.29 -14.55
C LEU A 165 -8.23 -11.59 -14.37
N ARG A 166 -8.98 -12.01 -15.40
CA ARG A 166 -9.71 -13.27 -15.30
CA ARG A 166 -9.70 -13.27 -15.31
C ARG A 166 -8.75 -14.43 -15.05
N ARG A 167 -7.59 -14.42 -15.70
CA ARG A 167 -6.61 -15.47 -15.45
C ARG A 167 -6.18 -15.50 -13.99
N TYR A 168 -5.77 -14.34 -13.45
CA TYR A 168 -5.25 -14.33 -12.08
C TYR A 168 -6.35 -14.63 -11.06
N LEU A 169 -7.59 -14.22 -11.33
CA LEU A 169 -8.68 -14.56 -10.40
C LEU A 169 -8.86 -16.07 -10.34
N GLU A 170 -8.76 -16.74 -11.48
CA GLU A 170 -8.89 -18.19 -11.52
C GLU A 170 -7.66 -18.87 -10.94
N HIS A 171 -6.47 -18.48 -11.41
CA HIS A 171 -5.25 -19.15 -10.93
C HIS A 171 -4.98 -18.88 -9.47
N GLY A 172 -5.41 -17.73 -8.94
CA GLY A 172 -5.15 -17.41 -7.55
C GLY A 172 -6.35 -17.58 -6.62
N LYS A 173 -7.34 -18.36 -7.05
CA LYS A 173 -8.62 -18.37 -6.33
C LYS A 173 -8.46 -18.84 -4.90
N ALA A 174 -7.62 -19.85 -4.67
CA ALA A 174 -7.45 -20.36 -3.30
C ALA A 174 -7.04 -19.23 -2.35
N ALA A 175 -6.06 -18.42 -2.74
CA ALA A 175 -5.63 -17.34 -1.85
C ALA A 175 -6.67 -16.24 -1.79
N LEU A 176 -7.34 -15.98 -2.92
CA LEU A 176 -8.26 -14.84 -2.97
C LEU A 176 -9.53 -15.11 -2.17
N LYS A 177 -10.01 -16.35 -2.15
CA LYS A 177 -11.30 -16.62 -1.52
C LYS A 177 -11.15 -16.83 -0.03
N ARG A 178 -9.94 -16.71 0.49
CA ARG A 178 -9.75 -17.11 1.86
C ARG A 178 -10.14 -15.94 2.75
N ARG A 179 -10.61 -16.25 3.95
CA ARG A 179 -10.98 -15.23 4.93
C ARG A 179 -10.18 -15.50 6.20
N VAL A 180 -9.51 -14.46 6.68
CA VAL A 180 -8.72 -14.54 7.89
C VAL A 180 -9.35 -13.58 8.89
N GLN A 181 -9.78 -14.11 10.00
CA GLN A 181 -10.45 -13.34 11.04
C GLN A 181 -9.42 -12.50 11.82
N PRO A 182 -9.71 -11.23 12.09
CA PRO A 182 -8.76 -10.42 12.86
C PRO A 182 -8.71 -10.84 14.32
N GLU A 183 -7.55 -10.65 14.93
CA GLU A 183 -7.39 -10.71 16.38
C GLU A 183 -7.35 -9.28 16.89
N VAL A 184 -8.21 -8.96 17.83
CA VAL A 184 -8.40 -7.57 18.26
C VAL A 184 -7.83 -7.39 19.65
N ARG A 185 -7.08 -6.30 19.85
CA ARG A 185 -6.64 -5.90 21.18
C ARG A 185 -7.12 -4.48 21.48
N VAL A 186 -7.66 -4.29 22.68
CA VAL A 186 -8.04 -2.98 23.20
C VAL A 186 -7.05 -2.55 24.25
N TRP A 187 -6.61 -1.30 24.20
CA TRP A 187 -5.63 -0.82 25.17
C TRP A 187 -6.04 0.56 25.65
N GLY A 188 -5.63 0.90 26.86
CA GLY A 188 -5.94 2.19 27.44
C GLY A 188 -4.73 2.80 28.10
N LYS A 189 -4.52 4.10 27.85
CA LYS A 189 -3.39 4.83 28.44
C LYS A 189 -3.92 6.16 28.96
N GLU A 190 -3.74 6.40 30.26
CA GLU A 190 -4.27 7.61 30.88
C GLU A 190 -3.16 8.62 31.12
N ALA A 191 -3.43 9.88 30.79
CA ALA A 191 -2.47 10.95 30.97
C ALA A 191 -3.21 12.26 31.13
N ASP A 192 -2.85 13.02 32.17
CA ASP A 192 -3.46 14.33 32.40
C ASP A 192 -4.97 14.23 32.54
N GLY A 193 -5.44 13.21 33.28
CA GLY A 193 -6.85 13.03 33.49
C GLY A 193 -7.65 12.63 32.26
N ILE A 194 -6.99 12.23 31.18
CA ILE A 194 -7.65 11.76 29.96
C ILE A 194 -7.24 10.33 29.71
N LEU A 195 -8.22 9.46 29.45
CA LEU A 195 -7.94 8.07 29.09
C LEU A 195 -8.12 7.92 27.58
N THR A 196 -7.03 7.56 26.90
CA THR A 196 -7.10 7.25 25.46
C THR A 196 -7.28 5.75 25.29
N LEU A 197 -8.40 5.37 24.71
CA LEU A 197 -8.66 3.98 24.38
C LEU A 197 -8.29 3.74 22.94
N SER A 198 -7.61 2.62 22.67
CA SER A 198 -7.22 2.24 21.32
CA SER A 198 -7.28 2.26 21.31
C SER A 198 -7.67 0.81 21.04
N CYS A 199 -8.03 0.55 19.80
CA CYS A 199 -8.54 -0.73 19.36
C CYS A 199 -7.80 -1.10 18.08
N HIS A 200 -7.05 -2.20 18.09
CA HIS A 200 -6.25 -2.60 16.94
C HIS A 200 -6.71 -3.96 16.42
N ALA A 201 -6.98 -4.04 15.13
CA ALA A 201 -7.39 -5.29 14.49
C ALA A 201 -6.18 -5.87 13.77
N HIS A 202 -5.72 -7.04 14.21
CA HIS A 202 -4.49 -7.65 13.69
C HIS A 202 -4.80 -8.75 12.67
N GLY A 203 -4.23 -8.64 11.48
CA GLY A 203 -4.13 -9.77 10.56
C GLY A 203 -5.40 -10.28 9.92
N PHE A 204 -6.22 -9.39 9.35
CA PHE A 204 -7.45 -9.79 8.70
C PHE A 204 -7.30 -9.79 7.18
N TYR A 205 -8.13 -10.60 6.52
CA TYR A 205 -8.24 -10.64 5.08
C TYR A 205 -9.65 -11.13 4.78
N PRO A 206 -10.36 -10.54 3.80
CA PRO A 206 -9.93 -9.45 2.91
C PRO A 206 -9.84 -8.08 3.56
N ARG A 207 -9.48 -7.08 2.75
CA ARG A 207 -9.06 -5.77 3.23
C ARG A 207 -10.18 -4.94 3.87
N PRO A 208 -11.41 -5.00 3.36
CA PRO A 208 -12.44 -4.11 3.91
C PRO A 208 -12.78 -4.47 5.35
N ILE A 209 -12.87 -3.44 6.20
CA ILE A 209 -13.14 -3.63 7.62
C ILE A 209 -13.69 -2.31 8.15
N THR A 210 -14.54 -2.38 9.18
CA THR A 210 -14.92 -1.18 9.92
C THR A 210 -14.63 -1.35 11.39
N ILE A 211 -14.15 -0.27 12.00
CA ILE A 211 -13.95 -0.18 13.45
C ILE A 211 -14.69 1.04 13.97
N SER A 212 -15.45 0.87 15.05
CA SER A 212 -16.13 2.00 15.66
CA SER A 212 -16.22 1.95 15.65
C SER A 212 -16.08 1.88 17.17
N TRP A 213 -16.28 3.02 17.83
CA TRP A 213 -16.36 3.05 19.28
C TRP A 213 -17.80 3.35 19.67
N MET A 214 -18.28 2.66 20.69
CA MET A 214 -19.68 2.66 21.09
CA MET A 214 -19.68 2.73 21.08
C MET A 214 -19.79 2.90 22.58
N LYS A 215 -20.80 3.67 23.00
CA LYS A 215 -21.12 3.78 24.42
C LYS A 215 -22.62 3.95 24.53
N ASP A 216 -23.22 3.23 25.49
CA ASP A 216 -24.66 3.20 25.67
C ASP A 216 -25.40 2.80 24.38
N GLY A 217 -24.74 1.97 23.57
CA GLY A 217 -25.28 1.55 22.30
C GLY A 217 -25.12 2.55 21.18
N MET A 218 -24.50 3.70 21.43
CA MET A 218 -24.43 4.79 20.47
C MET A 218 -23.00 4.90 19.97
N VAL A 219 -22.82 4.97 18.64
CA VAL A 219 -21.48 5.10 18.07
C VAL A 219 -20.95 6.52 18.27
N ARG A 220 -19.63 6.63 18.45
CA ARG A 220 -19.00 7.92 18.75
C ARG A 220 -18.06 8.34 17.64
N ASP A 221 -18.57 8.43 16.42
CA ASP A 221 -17.70 8.61 15.26
C ASP A 221 -17.03 9.99 15.24
N GLN A 222 -17.67 11.01 15.82
CA GLN A 222 -17.12 12.37 15.79
CA GLN A 222 -17.10 12.34 15.75
C GLN A 222 -15.90 12.49 16.68
N GLU A 223 -15.73 11.59 17.63
CA GLU A 223 -14.63 11.65 18.58
C GLU A 223 -13.55 10.63 18.28
N THR A 224 -13.69 9.87 17.21
CA THR A 224 -12.81 8.74 16.92
C THR A 224 -11.73 9.16 15.93
N ARG A 225 -10.52 8.64 16.14
CA ARG A 225 -9.41 8.80 15.22
C ARG A 225 -9.05 7.42 14.68
N TRP A 226 -8.90 7.31 13.36
CA TRP A 226 -8.58 6.05 12.73
C TRP A 226 -7.15 6.07 12.20
N GLY A 227 -6.39 5.00 12.48
CA GLY A 227 -5.03 4.97 11.97
C GLY A 227 -4.92 4.60 10.50
N GLY A 228 -5.94 3.95 9.95
CA GLY A 228 -5.91 3.52 8.57
C GLY A 228 -5.57 2.05 8.43
N ILE A 229 -5.91 1.50 7.27
CA ILE A 229 -5.62 0.11 6.95
C ILE A 229 -4.21 0.05 6.38
N VAL A 230 -3.37 -0.78 7.00
CA VAL A 230 -1.96 -0.89 6.64
C VAL A 230 -1.60 -2.36 6.50
N PRO A 231 -0.64 -2.71 5.64
CA PRO A 231 -0.41 -4.11 5.30
C PRO A 231 0.51 -4.83 6.28
N ASN A 232 0.25 -6.13 6.44
CA ASN A 232 1.24 -7.09 6.93
C ASN A 232 1.96 -7.74 5.76
N SER A 233 3.09 -8.38 6.06
CA SER A 233 3.92 -8.97 5.01
C SER A 233 3.36 -10.27 4.46
N ASP A 234 2.40 -10.90 5.14
CA ASP A 234 1.80 -12.15 4.67
C ASP A 234 0.51 -11.94 3.90
N GLY A 235 0.22 -10.70 3.48
CA GLY A 235 -0.96 -10.42 2.70
C GLY A 235 -2.22 -10.11 3.48
N THR A 236 -2.20 -10.23 4.81
CA THR A 236 -3.29 -9.73 5.65
C THR A 236 -3.05 -8.26 5.96
N TYR A 237 -3.98 -7.65 6.71
CA TYR A 237 -3.97 -6.22 6.98
C TYR A 237 -4.14 -5.94 8.47
N HIS A 238 -3.91 -4.67 8.83
CA HIS A 238 -3.96 -4.16 10.19
C HIS A 238 -4.73 -2.84 10.17
N ALA A 239 -5.47 -2.56 11.25
CA ALA A 239 -6.22 -1.30 11.32
C ALA A 239 -6.43 -0.94 12.78
N SER A 240 -6.80 0.32 13.03
CA SER A 240 -6.86 0.84 14.39
C SER A 240 -7.87 1.98 14.49
N ALA A 241 -8.33 2.22 15.71
CA ALA A 241 -9.17 3.38 16.03
C ALA A 241 -8.94 3.75 17.50
N ALA A 242 -8.96 5.04 17.80
CA ALA A 242 -8.71 5.52 19.15
C ALA A 242 -9.73 6.58 19.54
N ILE A 243 -9.95 6.73 20.85
CA ILE A 243 -10.91 7.72 21.35
C ILE A 243 -10.46 8.16 22.73
N ASP A 244 -10.62 9.46 23.01
CA ASP A 244 -10.31 10.02 24.33
C ASP A 244 -11.57 10.06 25.18
N VAL A 245 -11.47 9.57 26.41
CA VAL A 245 -12.64 9.46 27.29
C VAL A 245 -12.24 9.82 28.72
N LEU A 246 -13.25 10.03 29.55
CA LEU A 246 -12.99 10.21 30.97
C LEU A 246 -12.55 8.89 31.61
N PRO A 247 -11.53 8.91 32.46
CA PRO A 247 -11.04 7.64 33.04
C PRO A 247 -12.12 6.82 33.73
N GLU A 248 -13.06 7.49 34.42
CA GLU A 248 -14.13 6.80 35.11
C GLU A 248 -15.13 6.12 34.18
N ASP A 249 -15.10 6.40 32.87
CA ASP A 249 -15.95 5.75 31.89
C ASP A 249 -15.24 4.68 31.08
N GLY A 250 -14.00 4.34 31.42
CA GLY A 250 -13.22 3.48 30.54
C GLY A 250 -13.90 2.17 30.18
N ASP A 251 -14.56 1.54 31.16
CA ASP A 251 -15.17 0.24 30.93
C ASP A 251 -16.56 0.30 30.33
N LYS A 252 -17.04 1.50 29.97
CA LYS A 252 -18.34 1.65 29.32
C LYS A 252 -18.23 1.71 27.81
N TYR A 253 -17.03 1.88 27.26
CA TYR A 253 -16.83 1.99 25.82
C TYR A 253 -16.53 0.62 25.23
N TRP A 254 -17.06 0.38 24.03
CA TRP A 254 -16.86 -0.89 23.36
C TRP A 254 -16.38 -0.62 21.95
N CYS A 255 -15.38 -1.38 21.51
CA CYS A 255 -14.88 -1.30 20.14
C CYS A 255 -15.61 -2.35 19.30
N ARG A 256 -16.26 -1.90 18.23
CA ARG A 256 -17.01 -2.79 17.34
C ARG A 256 -16.24 -2.97 16.05
N VAL A 257 -16.07 -4.22 15.64
CA VAL A 257 -15.30 -4.56 14.45
C VAL A 257 -16.18 -5.39 13.52
N GLU A 258 -16.40 -4.89 12.30
CA GLU A 258 -17.13 -5.62 11.28
C GLU A 258 -16.19 -6.03 10.16
N HIS A 259 -16.31 -7.28 9.73
CA HIS A 259 -15.42 -7.84 8.74
C HIS A 259 -16.07 -9.07 8.14
N ALA A 260 -15.75 -9.33 6.87
CA ALA A 260 -16.38 -10.44 6.16
C ALA A 260 -16.19 -11.76 6.90
N SER A 261 -15.12 -11.91 7.66
CA SER A 261 -14.87 -13.16 8.35
C SER A 261 -15.70 -13.33 9.61
N LEU A 262 -16.43 -12.30 10.04
CA LEU A 262 -17.19 -12.34 11.29
C LEU A 262 -18.67 -12.27 11.00
N PRO A 263 -19.41 -13.38 11.16
CA PRO A 263 -20.86 -13.35 10.89
C PRO A 263 -21.62 -12.24 11.61
N GLN A 264 -21.24 -11.92 12.85
CA GLN A 264 -21.71 -10.72 13.52
C GLN A 264 -20.54 -9.95 14.08
N PRO A 265 -20.65 -8.63 14.18
CA PRO A 265 -19.51 -7.80 14.59
C PRO A 265 -18.92 -8.32 15.89
N GLY A 266 -17.59 -8.20 16.02
CA GLY A 266 -16.96 -8.39 17.31
C GLY A 266 -17.05 -7.11 18.14
N LEU A 267 -17.15 -7.28 19.46
N LEU A 267 -17.21 -7.30 19.45
CA LEU A 267 -17.30 -6.15 20.38
CA LEU A 267 -17.28 -6.20 20.40
C LEU A 267 -16.39 -6.36 21.58
C LEU A 267 -16.24 -6.45 21.47
N PHE A 268 -15.48 -5.41 21.82
CA PHE A 268 -14.40 -5.57 22.79
C PHE A 268 -14.33 -4.35 23.70
N SER A 269 -13.96 -4.56 24.96
CA SER A 269 -13.90 -3.48 25.92
CA SER A 269 -13.91 -3.48 25.93
C SER A 269 -12.60 -3.53 26.71
N TRP A 270 -12.19 -2.37 27.21
CA TRP A 270 -10.99 -2.23 28.02
C TRP A 270 -11.29 -2.73 29.42
N GLY A 271 -10.44 -3.62 29.92
CA GLY A 271 -10.62 -4.13 31.26
C GLY A 271 -11.37 -5.45 31.35
N SER A 272 -11.78 -6.01 30.22
CA SER A 272 -12.47 -7.28 30.18
CA SER A 272 -12.47 -7.29 30.18
C SER A 272 -11.67 -8.27 29.35
N LEU A 273 -11.75 -9.54 29.72
CA LEU A 273 -11.08 -10.61 29.01
C LEU A 273 -12.06 -11.38 28.14
N VAL A 274 -11.59 -11.85 27.00
CA VAL A 274 -12.41 -12.67 26.11
C VAL A 274 -11.86 -14.09 26.10
N PRO A 275 -12.51 -15.04 26.77
CA PRO A 275 -12.00 -16.42 26.80
C PRO A 275 -11.93 -17.05 25.42
N ALA B 1 -0.43 19.13 4.10
CA ALA B 1 -0.02 18.85 2.73
C ALA B 1 1.50 18.79 2.62
N ASP B 2 2.13 18.24 3.65
CA ASP B 2 3.57 18.05 3.66
C ASP B 2 3.91 16.61 3.25
N LEU B 3 5.05 16.45 2.60
CA LEU B 3 5.46 15.16 2.06
C LEU B 3 6.34 14.37 3.02
N THR B 4 6.19 14.61 4.34
CA THR B 4 6.96 13.85 5.29
C THR B 4 6.32 12.48 5.50
N PRO B 5 7.11 11.49 5.91
CA PRO B 5 6.56 10.15 6.12
C PRO B 5 5.62 10.11 7.31
N LYS B 6 4.50 9.43 7.13
CA LYS B 6 3.61 9.09 8.23
C LYS B 6 3.84 7.62 8.57
N VAL B 7 4.18 7.33 9.82
CA VAL B 7 4.80 6.05 10.18
C VAL B 7 3.96 5.35 11.24
N GLN B 8 3.78 4.03 11.07
CA GLN B 8 3.12 3.20 12.07
CA GLN B 8 3.12 3.20 12.07
C GLN B 8 3.98 1.97 12.31
N VAL B 9 4.04 1.52 13.57
CA VAL B 9 4.83 0.36 13.97
C VAL B 9 3.90 -0.59 14.67
N TYR B 10 3.85 -1.85 14.19
CA TYR B 10 2.88 -2.80 14.71
C TYR B 10 3.37 -4.21 14.43
N SER B 11 2.89 -5.15 15.21
CA SER B 11 3.25 -6.56 15.00
C SER B 11 2.15 -7.26 14.21
N ARG B 12 2.52 -8.36 13.56
CA ARG B 12 1.55 -9.14 12.80
C ARG B 12 0.47 -9.73 13.70
N PHE B 13 0.86 -10.28 14.84
CA PHE B 13 -0.06 -10.75 15.86
C PHE B 13 0.05 -9.85 17.09
N PRO B 14 -1.03 -9.72 17.87
CA PRO B 14 -0.89 -9.12 19.20
C PRO B 14 0.17 -9.90 19.98
N ALA B 15 1.10 -9.18 20.57
CA ALA B 15 2.33 -9.82 21.01
C ALA B 15 2.17 -10.53 22.34
N SER B 16 2.93 -11.61 22.49
CA SER B 16 3.08 -12.30 23.76
CA SER B 16 3.09 -12.28 23.76
C SER B 16 4.56 -12.67 23.89
N ALA B 17 5.11 -12.47 25.09
CA ALA B 17 6.53 -12.75 25.31
C ALA B 17 6.86 -14.18 24.93
N GLY B 18 7.94 -14.35 24.16
CA GLY B 18 8.39 -15.67 23.78
C GLY B 18 7.70 -16.30 22.59
N THR B 19 6.72 -15.63 21.98
CA THR B 19 5.96 -16.20 20.87
C THR B 19 6.39 -15.57 19.56
N LYS B 20 6.69 -16.40 18.56
CA LYS B 20 7.17 -15.91 17.27
C LYS B 20 6.16 -14.94 16.64
N ASN B 21 6.70 -13.89 16.01
CA ASN B 21 5.87 -12.79 15.51
C ASN B 21 6.61 -12.14 14.36
N VAL B 22 6.05 -11.07 13.82
CA VAL B 22 6.68 -10.25 12.81
C VAL B 22 6.46 -8.80 13.21
N LEU B 23 7.53 -8.02 13.24
CA LEU B 23 7.46 -6.60 13.51
C LEU B 23 7.46 -5.83 12.20
N ASN B 24 6.57 -4.83 12.11
CA ASN B 24 6.35 -4.09 10.88
C ASN B 24 6.58 -2.61 11.14
N CYS B 25 7.23 -1.95 10.18
CA CYS B 25 7.29 -0.50 10.17
C CYS B 25 6.77 -0.05 8.81
N PHE B 26 5.65 0.67 8.79
CA PHE B 26 5.02 1.09 7.55
C PHE B 26 5.13 2.61 7.45
N ALA B 27 5.77 3.10 6.40
CA ALA B 27 5.84 4.54 6.15
C ALA B 27 5.07 4.87 4.87
N ALA B 28 4.33 5.97 4.88
CA ALA B 28 3.49 6.31 3.74
C ALA B 28 3.34 7.82 3.62
N GLY B 29 2.83 8.25 2.47
CA GLY B 29 2.53 9.66 2.25
C GLY B 29 3.73 10.54 1.99
N PHE B 30 4.89 9.97 1.64
CA PHE B 30 6.10 10.76 1.52
C PHE B 30 6.54 10.89 0.06
N HIS B 31 7.39 11.88 -0.15
CA HIS B 31 8.04 12.20 -1.42
C HIS B 31 9.27 13.05 -1.14
N PRO B 32 10.44 12.76 -1.76
CA PRO B 32 10.73 11.77 -2.81
C PRO B 32 10.76 10.34 -2.24
N PRO B 33 10.87 9.34 -3.12
CA PRO B 33 10.78 7.94 -2.67
C PRO B 33 11.97 7.46 -1.85
N LYS B 34 13.13 8.10 -1.96
CA LYS B 34 14.28 7.66 -1.18
C LYS B 34 14.01 7.84 0.31
N ILE B 35 14.19 6.77 1.08
CA ILE B 35 13.87 6.82 2.52
C ILE B 35 14.66 5.71 3.21
N SER B 36 15.10 5.99 4.43
CA SER B 36 15.79 5.02 5.26
CA SER B 36 15.79 5.02 5.26
C SER B 36 14.85 4.62 6.39
N ILE B 37 14.55 3.32 6.49
CA ILE B 37 13.68 2.77 7.51
C ILE B 37 14.42 1.61 8.16
N THR B 38 14.67 1.69 9.47
CA THR B 38 15.45 0.67 10.16
C THR B 38 14.69 0.20 11.39
N LEU B 39 14.32 -1.07 11.41
CA LEU B 39 13.79 -1.69 12.61
C LEU B 39 14.94 -1.99 13.56
N MET B 40 14.73 -1.73 14.85
CA MET B 40 15.78 -1.79 15.85
C MET B 40 15.29 -2.51 17.08
N LYS B 41 16.19 -3.24 17.74
CA LYS B 41 15.96 -3.79 19.06
C LYS B 41 17.02 -3.22 19.97
N ASP B 42 16.60 -2.47 20.99
CA ASP B 42 17.52 -1.83 21.92
C ASP B 42 18.55 -0.97 21.18
N GLY B 43 18.11 -0.33 20.10
CA GLY B 43 18.98 0.52 19.32
C GLY B 43 19.84 -0.19 18.29
N VAL B 44 19.76 -1.52 18.19
CA VAL B 44 20.58 -2.29 17.26
C VAL B 44 19.70 -2.70 16.07
N PRO B 45 20.09 -2.41 14.83
CA PRO B 45 19.27 -2.84 13.69
C PRO B 45 18.97 -4.33 13.78
N MET B 46 17.74 -4.70 13.46
CA MET B 46 17.32 -6.08 13.61
C MET B 46 17.74 -6.90 12.40
N GLU B 47 18.27 -8.10 12.66
CA GLU B 47 18.70 -9.00 11.59
C GLU B 47 17.47 -9.56 10.86
N GLY B 48 17.64 -9.80 9.56
CA GLY B 48 16.61 -10.41 8.76
C GLY B 48 15.51 -9.49 8.27
N ALA B 49 15.63 -8.18 8.48
CA ALA B 49 14.59 -7.28 8.02
C ALA B 49 14.51 -7.31 6.49
N GLN B 50 13.29 -7.16 5.98
N GLN B 50 13.28 -7.16 5.99
CA GLN B 50 13.04 -7.14 4.55
CA GLN B 50 12.98 -7.16 4.57
C GLN B 50 12.17 -5.95 4.22
C GLN B 50 12.18 -5.92 4.24
N TYR B 51 12.30 -5.44 3.00
CA TYR B 51 11.59 -4.26 2.57
C TYR B 51 10.74 -4.56 1.35
N SER B 52 9.55 -3.99 1.32
CA SER B 52 8.65 -4.16 0.20
C SER B 52 9.12 -3.36 -1.02
N ASP B 53 8.73 -3.83 -2.20
CA ASP B 53 8.95 -3.03 -3.41
C ASP B 53 8.26 -1.69 -3.30
N MET B 54 8.94 -0.65 -3.79
CA MET B 54 8.39 0.70 -3.77
C MET B 54 7.06 0.76 -4.51
N SER B 55 6.04 1.30 -3.84
CA SER B 55 4.71 1.46 -4.43
CA SER B 55 4.73 1.48 -4.46
C SER B 55 4.17 2.80 -3.96
N PHE B 56 2.96 3.14 -4.42
CA PHE B 56 2.39 4.43 -4.05
C PHE B 56 0.87 4.36 -4.01
N ASN B 57 0.28 5.38 -3.39
CA ASN B 57 -1.16 5.49 -3.24
C ASN B 57 -1.74 6.42 -4.30
N ASP B 58 -3.06 6.62 -4.21
CA ASP B 58 -3.81 7.31 -5.25
C ASP B 58 -3.31 8.73 -5.51
N ASP B 59 -2.82 9.42 -4.47
CA ASP B 59 -2.34 10.79 -4.66
C ASP B 59 -0.88 10.82 -5.09
N TRP B 60 -0.31 9.68 -5.47
CA TRP B 60 1.06 9.54 -5.96
C TRP B 60 2.10 9.54 -4.84
N THR B 61 1.72 9.74 -3.58
CA THR B 61 2.73 9.67 -2.53
C THR B 61 3.17 8.23 -2.30
N PHE B 62 4.40 8.05 -1.81
CA PHE B 62 4.98 6.73 -1.79
C PHE B 62 4.74 6.04 -0.46
N GLN B 63 4.90 4.71 -0.48
CA GLN B 63 4.81 3.97 0.77
C GLN B 63 5.75 2.78 0.72
N ARG B 64 6.13 2.32 1.89
CA ARG B 64 7.04 1.19 1.97
C ARG B 64 6.84 0.49 3.30
N LEU B 65 6.82 -0.84 3.25
CA LEU B 65 6.73 -1.68 4.44
C LEU B 65 8.08 -2.34 4.68
N VAL B 66 8.58 -2.25 5.91
CA VAL B 66 9.76 -2.98 6.36
C VAL B 66 9.29 -3.92 7.46
N HIS B 67 9.73 -5.18 7.40
CA HIS B 67 9.27 -6.17 8.35
C HIS B 67 10.41 -7.12 8.69
N ALA B 68 10.36 -7.67 9.90
CA ALA B 68 11.35 -8.63 10.37
C ALA B 68 10.69 -9.66 11.28
N ASP B 69 10.94 -10.95 11.02
CA ASP B 69 10.51 -11.98 11.96
C ASP B 69 11.28 -11.80 13.25
N PHE B 70 10.61 -12.03 14.38
CA PHE B 70 11.29 -11.84 15.66
C PHE B 70 10.46 -12.52 16.74
N THR B 71 11.11 -12.75 17.87
CA THR B 71 10.43 -13.21 19.06
C THR B 71 10.55 -12.11 20.10
N PRO B 72 9.48 -11.39 20.38
CA PRO B 72 9.56 -10.27 21.32
C PRO B 72 9.98 -10.74 22.70
N SER B 73 10.91 -10.01 23.32
CA SER B 73 11.39 -10.29 24.67
CA SER B 73 11.39 -10.29 24.67
C SER B 73 11.00 -9.15 25.59
N SER B 74 10.49 -9.49 26.76
CA SER B 74 10.15 -8.45 27.72
C SER B 74 11.44 -7.76 28.20
N GLY B 75 11.33 -6.49 28.51
CA GLY B 75 12.48 -5.71 28.90
C GLY B 75 13.22 -5.07 27.75
N SER B 76 13.01 -5.53 26.52
CA SER B 76 13.61 -4.89 25.34
C SER B 76 12.66 -3.83 24.78
N THR B 77 13.25 -2.88 24.07
CA THR B 77 12.51 -1.83 23.40
C THR B 77 12.73 -1.98 21.90
N TYR B 78 11.64 -2.10 21.15
CA TYR B 78 11.72 -2.16 19.70
C TYR B 78 11.25 -0.83 19.12
N ALA B 79 11.84 -0.44 18.00
CA ALA B 79 11.56 0.87 17.43
C ALA B 79 11.92 0.84 15.95
N CYS B 80 11.45 1.87 15.24
CA CYS B 80 11.75 2.05 13.82
C CYS B 80 12.35 3.45 13.65
N LYS B 81 13.56 3.52 13.10
CA LYS B 81 14.19 4.81 12.86
C LYS B 81 14.00 5.19 11.39
N VAL B 82 13.52 6.40 11.14
CA VAL B 82 13.18 6.85 9.79
C VAL B 82 13.99 8.10 9.48
N GLU B 83 14.63 8.11 8.31
CA GLU B 83 15.31 9.29 7.79
C GLU B 83 14.82 9.60 6.39
N HIS B 84 14.56 10.88 6.14
CA HIS B 84 13.98 11.33 4.88
C HIS B 84 14.37 12.79 4.70
N GLU B 85 14.55 13.20 3.44
CA GLU B 85 15.01 14.57 3.22
C GLU B 85 13.99 15.62 3.64
N THR B 86 12.73 15.25 3.91
CA THR B 86 11.81 16.25 4.45
C THR B 86 11.99 16.48 5.94
N LEU B 87 12.84 15.71 6.60
CA LEU B 87 13.02 15.74 8.06
C LEU B 87 14.38 16.34 8.40
N LYS B 88 14.38 17.26 9.38
CA LYS B 88 15.64 17.87 9.79
C LYS B 88 16.53 16.88 10.53
N GLU B 89 15.95 15.88 11.18
CA GLU B 89 16.71 14.90 11.93
C GLU B 89 15.96 13.58 11.88
N PRO B 90 16.63 12.46 12.16
CA PRO B 90 15.92 11.19 12.17
C PRO B 90 14.79 11.22 13.18
N GLN B 91 13.75 10.44 12.89
CA GLN B 91 12.64 10.30 13.81
C GLN B 91 12.53 8.84 14.21
N VAL B 92 12.22 8.59 15.48
CA VAL B 92 12.23 7.25 16.06
C VAL B 92 10.83 6.94 16.54
N TYR B 93 10.25 5.85 16.05
CA TYR B 93 8.88 5.45 16.34
C TYR B 93 8.91 4.17 17.17
N LYS B 94 8.55 4.28 18.44
CA LYS B 94 8.61 3.10 19.30
C LYS B 94 7.45 2.17 18.99
N TRP B 95 7.66 0.88 19.21
CA TRP B 95 6.60 -0.10 19.17
C TRP B 95 5.95 -0.17 20.54
N ASP B 96 4.64 0.14 20.60
CA ASP B 96 3.80 -0.10 21.77
C ASP B 96 3.02 -1.39 21.52
N PRO B 97 3.47 -2.56 22.01
CA PRO B 97 3.08 -3.92 21.59
C PRO B 97 1.61 -4.30 21.79
C10 BJU C . 3.99 -0.45 -19.43
C13 BJU C . 5.43 3.01 -20.55
C01 BJU C . 3.54 -7.39 -12.26
C02 BJU C . 4.86 -7.06 -12.99
C03 BJU C . 4.76 -7.25 -14.50
C04 BJU C . 4.17 -6.01 -15.20
C05 BJU C . 3.96 -6.22 -16.70
C06 BJU C . 3.27 -5.01 -17.33
C07 BJU C . 4.29 -3.93 -17.69
C08 BJU C . 3.67 -2.74 -18.41
C09 BJU C . 4.64 -1.58 -18.63
C11 BJU C . 5.01 0.59 -19.89
C12 BJU C . 4.39 1.94 -20.25
C14 BJU C . 4.85 4.18 -21.35
N16 BJU C . 5.73 5.08 -22.09
O15 BJU C . 3.68 4.37 -21.38
C1 BJU C . 5.17 6.18 -22.86
C2 BJU C . 6.02 6.49 -24.10
O2 BJU C . 5.49 6.47 -25.25
O1 BJU C . 7.25 6.76 -23.98
C1 GOL D . -3.94 -15.34 3.70
O1 GOL D . -2.78 -15.23 4.49
C2 GOL D . -4.11 -13.98 2.97
O2 GOL D . -2.94 -13.57 2.33
C3 GOL D . -5.27 -14.19 1.97
O3 GOL D . -4.89 -15.25 1.11
H11 GOL D . -4.74 -15.51 4.23
H12 GOL D . -3.89 -16.05 3.04
HO1 GOL D . -2.67 -14.39 4.63
H2 GOL D . -4.33 -13.28 3.60
HO2 GOL D . -2.50 -14.27 2.13
H31 GOL D . -5.44 -13.36 1.50
H32 GOL D . -6.08 -14.38 2.47
HO3 GOL D . -5.35 -15.16 0.39
CL CL E . -0.69 0.63 -3.42
#